data_3P0U
#
_entry.id   3P0U
#
_cell.length_a   129.479
_cell.length_b   140.963
_cell.length_c   184.863
_cell.angle_alpha   90.00
_cell.angle_beta   90.00
_cell.angle_gamma   90.00
#
_symmetry.space_group_name_H-M   'F 2 2 2'
#
loop_
_entity.id
_entity.type
_entity.pdbx_description
1 polymer 'Nuclear receptor subfamily 2 group C member 2'
2 water water
#
_entity_poly.entity_id   1
_entity_poly.type   'polypeptide(L)'
_entity_poly.pdbx_seq_one_letter_code
;RDQSTPIIEVEGPLLSDTHVTFKLTMPSPMPEYLNVHYICESASRLLFLSMHWARSIPAFQALGQDCNTSLVRACWNELF
TLGLAQCAQVMSLSTILAAIVNHLQNSIQEDKLSGDRIKQVMEHIWKLQEFCNSMAKLDIDGYEYAYLKAIVLFSPDHPG
LTSTSQIEKFQEAAQMELQDYVQATYSEDTYRLARILVRLPALRLMSSNITEELFFTGLIGNVSIDSIIPYILKMETAEY
NGQITGASL
;
_entity_poly.pdbx_strand_id   A,B
#
# COMPACT_ATOMS: atom_id res chain seq x y z
N ARG A 1 7.66 25.68 3.36
CA ARG A 1 7.53 26.67 2.25
C ARG A 1 8.89 26.99 1.60
N ASP A 2 9.97 26.61 2.29
CA ASP A 2 11.31 27.01 1.90
C ASP A 2 12.37 26.23 2.67
N GLN A 3 12.78 25.10 2.13
CA GLN A 3 13.67 24.23 2.88
C GLN A 3 14.94 24.09 2.12
N SER A 4 15.97 24.83 2.53
CA SER A 4 17.32 24.66 2.02
C SER A 4 18.17 23.96 3.06
N THR A 5 17.75 24.04 4.32
CA THR A 5 18.36 23.31 5.42
C THR A 5 17.26 22.53 6.12
N PRO A 6 17.48 21.22 6.41
CA PRO A 6 16.43 20.35 6.95
C PRO A 6 16.10 20.67 8.39
N ILE A 7 15.16 19.91 8.95
CA ILE A 7 14.71 20.14 10.31
C ILE A 7 15.95 20.41 11.22
N ILE A 8 17.07 19.78 10.89
CA ILE A 8 18.34 19.98 11.63
C ILE A 8 19.14 21.16 11.06
N GLU A 9 20.39 21.31 11.51
CA GLU A 9 21.24 22.36 10.97
C GLU A 9 22.49 21.80 10.24
N VAL A 10 22.40 20.60 9.67
CA VAL A 10 23.54 19.99 8.94
C VAL A 10 23.26 19.87 7.43
N GLU A 11 22.41 18.92 7.03
CA GLU A 11 22.22 18.63 5.61
C GLU A 11 21.68 19.84 4.85
N GLY A 12 21.47 19.68 3.55
CA GLY A 12 20.73 20.65 2.80
C GLY A 12 19.85 19.92 1.79
N PRO A 13 18.50 19.90 1.99
CA PRO A 13 17.59 19.32 1.01
C PRO A 13 17.62 20.06 -0.32
N LEU A 14 18.45 19.54 -1.22
CA LEU A 14 18.64 20.08 -2.56
C LEU A 14 17.73 19.37 -3.52
N LEU A 15 17.20 20.09 -4.50
CA LEU A 15 16.27 19.48 -5.47
C LEU A 15 17.04 18.55 -6.42
N SER A 16 16.33 17.97 -7.39
CA SER A 16 16.91 16.93 -8.25
C SER A 16 17.26 17.38 -9.67
N ASP A 17 18.04 16.52 -10.33
CA ASP A 17 18.45 16.65 -11.74
C ASP A 17 17.81 15.47 -12.50
N THR A 18 18.47 14.30 -12.49
CA THR A 18 17.97 13.06 -13.11
C THR A 18 18.15 11.89 -12.15
N HIS A 19 17.04 11.29 -11.73
CA HIS A 19 17.06 10.43 -10.57
C HIS A 19 17.81 9.16 -10.87
N VAL A 20 17.07 8.14 -11.22
CA VAL A 20 17.61 6.82 -11.47
C VAL A 20 18.29 6.82 -12.86
N THR A 21 19.46 6.18 -12.94
CA THR A 21 20.33 6.23 -14.14
C THR A 21 20.16 5.00 -15.11
N PHE A 22 21.07 4.02 -15.04
CA PHE A 22 21.01 2.78 -15.85
C PHE A 22 20.62 1.58 -15.01
N LYS A 23 20.07 1.85 -13.82
CA LYS A 23 19.69 0.81 -12.89
C LYS A 23 18.65 -0.14 -13.45
N LEU A 24 18.04 0.23 -14.58
CA LEU A 24 17.03 -0.61 -15.26
C LEU A 24 17.47 -2.05 -15.51
N THR A 25 18.75 -2.35 -15.26
CA THR A 25 19.27 -3.71 -15.42
C THR A 25 19.24 -4.46 -14.09
N MET A 26 18.85 -5.73 -14.16
CA MET A 26 18.78 -6.60 -13.00
C MET A 26 18.83 -8.08 -13.39
N PRO A 27 20.04 -8.67 -13.52
CA PRO A 27 20.24 -10.08 -13.82
C PRO A 27 20.35 -10.91 -12.56
N SER A 28 19.96 -12.17 -12.59
CA SER A 28 19.96 -12.98 -11.37
C SER A 28 20.41 -14.42 -11.65
N PRO A 29 21.74 -14.67 -11.76
CA PRO A 29 22.21 -16.04 -12.05
C PRO A 29 22.02 -17.04 -10.89
N MET A 30 22.01 -18.34 -11.21
CA MET A 30 21.78 -19.40 -10.22
C MET A 30 22.52 -20.68 -10.66
N PRO A 31 23.15 -21.40 -9.69
CA PRO A 31 23.98 -22.60 -9.96
C PRO A 31 23.32 -23.93 -10.43
N GLU A 32 23.10 -24.89 -9.53
CA GLU A 32 22.72 -26.26 -9.93
C GLU A 32 21.22 -26.65 -9.79
N TYR A 33 20.98 -27.96 -9.61
CA TYR A 33 19.65 -28.60 -9.74
C TYR A 33 18.77 -28.66 -8.45
N LEU A 34 17.92 -29.68 -8.47
CA LEU A 34 16.84 -30.00 -7.53
C LEU A 34 16.63 -29.23 -6.20
N ASN A 35 15.33 -29.04 -5.94
CA ASN A 35 14.71 -28.25 -4.86
C ASN A 35 14.98 -28.55 -3.39
N VAL A 36 16.25 -28.63 -2.99
CA VAL A 36 16.57 -28.79 -1.57
C VAL A 36 16.25 -27.51 -0.81
N HIS A 37 17.06 -27.17 0.19
CA HIS A 37 16.88 -25.94 0.93
C HIS A 37 17.97 -24.95 0.60
N TYR A 38 18.38 -24.97 -0.66
CA TYR A 38 19.22 -23.94 -1.22
C TYR A 38 18.36 -22.70 -1.51
N ILE A 39 17.04 -22.87 -1.48
CA ILE A 39 16.07 -21.77 -1.67
C ILE A 39 16.51 -20.55 -0.92
N CYS A 40 16.83 -20.75 0.36
CA CYS A 40 17.36 -19.70 1.22
C CYS A 40 18.43 -18.89 0.49
N GLU A 41 19.35 -19.58 -0.17
CA GLU A 41 20.42 -18.93 -0.94
C GLU A 41 19.88 -18.19 -2.17
N SER A 42 18.84 -18.74 -2.78
CA SER A 42 18.23 -18.12 -3.94
C SER A 42 17.62 -16.78 -3.55
N ALA A 43 16.80 -16.78 -2.51
CA ALA A 43 16.18 -15.56 -2.06
C ALA A 43 17.24 -14.60 -1.62
N SER A 44 18.37 -15.12 -1.16
CA SER A 44 19.51 -14.29 -0.76
C SER A 44 20.11 -13.51 -1.91
N ARG A 45 20.32 -14.17 -3.03
CA ARG A 45 20.88 -13.49 -4.17
C ARG A 45 20.05 -12.29 -4.53
N LEU A 46 18.72 -12.46 -4.57
CA LEU A 46 17.75 -11.38 -4.83
C LEU A 46 17.84 -10.29 -3.76
N LEU A 47 17.78 -10.74 -2.49
CA LEU A 47 17.91 -9.89 -1.33
C LEU A 47 19.14 -9.08 -1.40
N PHE A 48 20.28 -9.74 -1.66
CA PHE A 48 21.57 -9.06 -1.81
C PHE A 48 21.52 -8.16 -3.04
N LEU A 49 21.13 -8.72 -4.18
CA LEU A 49 21.11 -7.94 -5.40
C LEU A 49 20.24 -6.72 -5.21
N SER A 50 19.17 -6.87 -4.44
CA SER A 50 18.27 -5.78 -4.09
C SER A 50 18.92 -4.65 -3.27
N MET A 51 19.76 -5.00 -2.29
CA MET A 51 20.41 -4.02 -1.44
C MET A 51 21.37 -3.17 -2.26
N HIS A 52 22.03 -3.80 -3.23
CA HIS A 52 23.00 -3.09 -4.03
C HIS A 52 22.35 -2.13 -5.00
N TRP A 53 21.37 -2.63 -5.75
CA TRP A 53 20.62 -1.77 -6.65
C TRP A 53 20.27 -0.46 -5.98
N ALA A 54 19.81 -0.56 -4.74
CA ALA A 54 19.39 0.59 -3.97
C ALA A 54 20.59 1.42 -3.47
N ARG A 55 21.63 0.74 -2.98
CA ARG A 55 22.83 1.43 -2.51
C ARG A 55 23.56 2.09 -3.65
N SER A 56 23.21 1.74 -4.87
CA SER A 56 23.84 2.30 -6.02
C SER A 56 23.12 3.55 -6.53
N ILE A 57 22.08 3.97 -5.83
CA ILE A 57 21.35 5.10 -6.31
C ILE A 57 22.06 6.37 -5.83
N PRO A 58 22.53 7.21 -6.77
CA PRO A 58 23.17 8.47 -6.44
C PRO A 58 22.39 9.36 -5.46
N ALA A 59 21.09 9.15 -5.34
CA ALA A 59 20.30 9.91 -4.38
C ALA A 59 20.13 9.15 -3.06
N PHE A 60 20.52 7.88 -3.05
CA PHE A 60 20.38 7.02 -1.88
C PHE A 60 21.55 7.19 -0.93
N GLN A 61 22.77 7.13 -1.48
CA GLN A 61 23.99 7.34 -0.71
C GLN A 61 24.03 8.72 -0.11
N ALA A 62 23.35 9.70 -0.73
CA ALA A 62 23.31 11.05 -0.20
C ALA A 62 22.67 11.07 1.20
N LEU A 63 21.76 10.14 1.46
CA LEU A 63 21.06 10.13 2.71
C LEU A 63 22.00 9.77 3.86
N GLY A 64 23.13 9.17 3.53
CA GLY A 64 24.06 8.78 4.56
C GLY A 64 23.68 7.45 5.17
N GLN A 65 24.69 6.70 5.61
CA GLN A 65 24.54 5.32 6.07
C GLN A 65 23.43 5.17 7.11
N ASP A 66 23.50 6.01 8.14
CA ASP A 66 22.54 5.99 9.24
C ASP A 66 21.08 6.01 8.76
N CYS A 67 20.82 6.83 7.73
CA CYS A 67 19.49 6.97 7.13
C CYS A 67 19.19 5.84 6.14
N ASN A 68 20.17 5.49 5.31
CA ASN A 68 20.10 4.37 4.38
C ASN A 68 19.73 3.14 5.19
N THR A 69 20.61 2.74 6.08
CA THR A 69 20.42 1.47 6.73
C THR A 69 19.01 1.36 7.25
N SER A 70 18.41 2.49 7.60
CA SER A 70 17.11 2.46 8.24
C SER A 70 16.00 2.37 7.22
N LEU A 71 16.05 3.25 6.23
CA LEU A 71 15.15 3.18 5.10
C LEU A 71 14.98 1.74 4.57
N VAL A 72 16.10 1.10 4.24
CA VAL A 72 16.09 -0.26 3.70
C VAL A 72 15.49 -1.18 4.72
N ARG A 73 15.82 -0.96 5.97
CA ARG A 73 15.24 -1.77 7.05
C ARG A 73 13.70 -1.69 7.09
N ALA A 74 13.13 -0.66 6.45
CA ALA A 74 11.72 -0.35 6.46
C ALA A 74 11.00 -0.83 5.22
N CYS A 75 11.73 -1.34 4.20
CA CYS A 75 11.05 -1.79 2.98
C CYS A 75 11.72 -2.90 2.20
N TRP A 76 12.53 -3.71 2.85
CA TRP A 76 13.28 -4.71 2.09
C TRP A 76 12.34 -5.73 1.47
N ASN A 77 11.20 -5.92 2.13
CA ASN A 77 10.24 -6.90 1.70
C ASN A 77 9.46 -6.42 0.51
N GLU A 78 9.16 -5.13 0.45
CA GLU A 78 8.54 -4.60 -0.75
C GLU A 78 9.47 -4.80 -1.96
N LEU A 79 10.69 -4.28 -1.85
CA LEU A 79 11.72 -4.50 -2.87
C LEU A 79 11.87 -5.97 -3.21
N PHE A 80 12.16 -6.81 -2.22
CA PHE A 80 12.24 -8.27 -2.46
C PHE A 80 11.04 -8.85 -3.28
N THR A 81 9.83 -8.51 -2.86
CA THR A 81 8.63 -8.95 -3.57
C THR A 81 8.53 -8.31 -5.00
N LEU A 82 8.90 -7.03 -5.10
CA LEU A 82 8.83 -6.37 -6.41
C LEU A 82 9.72 -7.14 -7.36
N GLY A 83 10.89 -7.52 -6.85
CA GLY A 83 11.87 -8.16 -7.68
C GLY A 83 11.47 -9.59 -7.87
N LEU A 84 10.75 -10.11 -6.88
CA LEU A 84 10.31 -11.49 -6.96
C LEU A 84 9.52 -11.71 -8.25
N ALA A 85 8.51 -10.85 -8.48
CA ALA A 85 7.66 -10.90 -9.70
C ALA A 85 8.51 -10.62 -10.96
N GLN A 86 9.46 -9.71 -10.82
CA GLN A 86 10.33 -9.33 -11.94
C GLN A 86 11.28 -10.45 -12.34
N CYS A 87 11.77 -11.20 -11.37
CA CYS A 87 12.67 -12.33 -11.72
C CYS A 87 12.00 -13.67 -11.49
N ALA A 88 10.66 -13.66 -11.43
CA ALA A 88 9.89 -14.88 -11.15
C ALA A 88 10.12 -15.96 -12.19
N GLN A 89 10.89 -15.62 -13.21
CA GLN A 89 11.30 -16.59 -14.26
C GLN A 89 11.84 -17.91 -13.71
N VAL A 90 12.39 -17.89 -12.49
CA VAL A 90 12.88 -19.10 -11.85
C VAL A 90 11.80 -19.79 -10.99
N MET A 91 11.23 -19.02 -10.08
CA MET A 91 10.38 -19.56 -9.02
C MET A 91 9.30 -20.56 -9.34
N SER A 92 9.75 -21.81 -9.25
CA SER A 92 8.95 -23.02 -9.23
C SER A 92 8.78 -23.53 -7.75
N LEU A 93 8.78 -22.59 -6.80
CA LEU A 93 8.69 -22.85 -5.36
C LEU A 93 7.29 -23.15 -4.81
N SER A 94 6.92 -24.42 -4.99
CA SER A 94 5.73 -24.99 -4.41
C SER A 94 6.05 -25.44 -3.00
N THR A 95 6.71 -24.52 -2.29
CA THR A 95 7.27 -24.72 -0.93
C THR A 95 6.17 -24.72 0.09
N ILE A 96 5.20 -25.59 -0.14
CA ILE A 96 4.06 -25.75 0.73
C ILE A 96 4.22 -27.07 1.46
N LEU A 97 5.14 -27.02 2.42
CA LEU A 97 5.51 -28.16 3.23
C LEU A 97 4.40 -28.43 4.24
N ALA A 98 3.94 -29.69 4.23
CA ALA A 98 2.91 -30.22 5.12
C ALA A 98 3.44 -30.51 6.57
N ALA A 99 3.51 -29.47 7.39
CA ALA A 99 3.96 -29.57 8.79
C ALA A 99 5.39 -30.10 8.90
N VAL A 101 9.11 -36.57 16.78
CA VAL A 101 9.74 -35.39 16.19
C VAL A 101 9.40 -35.21 14.69
N ASN A 102 9.06 -36.30 14.00
CA ASN A 102 8.80 -36.28 12.54
C ASN A 102 7.71 -35.30 12.11
N ASN A 106 9.05 -43.07 16.62
CA ASN A 106 9.13 -44.01 17.73
C ASN A 106 9.04 -45.46 17.29
N SER A 107 9.97 -45.88 16.42
CA SER A 107 10.05 -47.25 15.92
C SER A 107 8.78 -47.68 15.17
N ARG A 117 -3.55 -24.31 15.41
CA ARG A 117 -2.58 -24.15 14.32
C ARG A 117 -3.28 -23.93 12.97
N ILE A 118 -3.97 -22.81 12.87
CA ILE A 118 -4.62 -22.42 11.65
C ILE A 118 -3.72 -21.34 11.03
N LYS A 119 -2.42 -21.57 11.05
CA LYS A 119 -1.48 -20.64 10.48
C LYS A 119 -1.77 -20.51 9.00
N GLN A 120 -2.11 -19.26 8.63
CA GLN A 120 -2.48 -18.82 7.26
C GLN A 120 -1.30 -18.39 6.40
N VAL A 121 -0.34 -19.29 6.28
CA VAL A 121 0.80 -19.05 5.45
C VAL A 121 0.36 -19.21 4.00
N MET A 122 -0.79 -19.84 3.82
CA MET A 122 -1.34 -20.05 2.50
C MET A 122 -1.82 -18.74 1.89
N GLU A 123 -2.47 -17.90 2.68
CA GLU A 123 -2.91 -16.59 2.22
C GLU A 123 -1.72 -15.79 1.71
N HIS A 124 -0.64 -15.81 2.45
CA HIS A 124 0.51 -15.03 2.09
C HIS A 124 1.10 -15.49 0.77
N ILE A 125 1.28 -16.79 0.64
CA ILE A 125 1.72 -17.42 -0.61
C ILE A 125 0.76 -17.09 -1.76
N TRP A 126 -0.53 -17.13 -1.46
CA TRP A 126 -1.56 -16.74 -2.40
C TRP A 126 -1.34 -15.30 -2.87
N LYS A 127 -1.33 -14.36 -1.94
CA LYS A 127 -1.21 -12.96 -2.29
C LYS A 127 0.05 -12.75 -3.15
N LEU A 128 1.11 -13.46 -2.72
CA LEU A 128 2.43 -13.44 -3.37
C LEU A 128 2.32 -13.92 -4.82
N GLN A 129 1.66 -15.03 -5.05
CA GLN A 129 1.54 -15.52 -6.41
C GLN A 129 0.69 -14.55 -7.25
N GLU A 130 -0.45 -14.17 -6.65
CA GLU A 130 -1.40 -13.32 -7.31
C GLU A 130 -0.77 -11.97 -7.67
N PHE A 131 0.21 -11.51 -6.87
CA PHE A 131 0.81 -10.20 -7.14
C PHE A 131 1.76 -10.35 -8.30
N CYS A 132 2.53 -11.41 -8.27
CA CYS A 132 3.46 -11.66 -9.35
C CYS A 132 2.67 -11.78 -10.63
N ASN A 133 1.63 -12.60 -10.56
CA ASN A 133 0.74 -12.75 -11.67
C ASN A 133 0.21 -11.39 -12.20
N SER A 134 -0.25 -10.52 -11.32
CA SER A 134 -0.86 -9.26 -11.75
C SER A 134 0.16 -8.43 -12.49
N MET A 135 1.35 -8.39 -11.94
CA MET A 135 2.40 -7.63 -12.56
C MET A 135 2.79 -8.27 -13.91
N ALA A 136 2.66 -9.60 -14.02
CA ALA A 136 2.96 -10.26 -15.31
C ALA A 136 1.87 -9.89 -16.36
N LYS A 137 0.62 -10.04 -15.97
CA LYS A 137 -0.50 -9.70 -16.80
C LYS A 137 -0.36 -8.27 -17.33
N LEU A 138 0.18 -7.37 -16.50
CA LEU A 138 0.34 -5.97 -16.88
C LEU A 138 1.59 -5.79 -17.68
N ASP A 139 2.33 -6.86 -17.84
CA ASP A 139 3.57 -6.82 -18.60
C ASP A 139 4.45 -5.64 -18.23
N ILE A 140 4.80 -5.49 -16.95
CA ILE A 140 5.66 -4.39 -16.49
C ILE A 140 7.04 -4.61 -17.05
N ASP A 141 7.61 -3.55 -17.61
CA ASP A 141 8.92 -3.67 -18.25
C ASP A 141 10.04 -3.30 -17.27
N GLY A 142 11.29 -3.61 -17.61
CA GLY A 142 12.41 -3.29 -16.75
C GLY A 142 12.46 -1.86 -16.20
N TYR A 143 12.17 -0.87 -17.04
CA TYR A 143 12.20 0.54 -16.60
C TYR A 143 11.21 0.79 -15.49
N GLU A 144 9.97 0.37 -15.70
CA GLU A 144 8.90 0.66 -14.74
C GLU A 144 9.26 0.03 -13.38
N TYR A 145 9.82 -1.19 -13.41
CA TYR A 145 10.30 -1.87 -12.20
C TYR A 145 11.31 -1.00 -11.46
N ALA A 146 12.34 -0.55 -12.18
CA ALA A 146 13.38 0.23 -11.56
C ALA A 146 12.78 1.46 -10.84
N TYR A 147 11.73 2.02 -11.40
CA TYR A 147 11.12 3.24 -10.81
C TYR A 147 10.16 2.87 -9.71
N LEU A 148 9.35 1.85 -9.95
CA LEU A 148 8.44 1.32 -8.93
C LEU A 148 9.18 1.00 -7.64
N LYS A 149 10.34 0.35 -7.74
CA LYS A 149 11.20 0.12 -6.58
C LYS A 149 11.64 1.42 -5.94
N ALA A 150 11.75 2.44 -6.79
CA ALA A 150 12.27 3.72 -6.39
C ALA A 150 11.24 4.39 -5.52
N ILE A 151 10.01 4.42 -6.04
CA ILE A 151 8.87 5.03 -5.33
C ILE A 151 8.70 4.34 -3.98
N VAL A 152 8.94 3.04 -3.94
CA VAL A 152 8.87 2.29 -2.69
C VAL A 152 9.96 2.66 -1.71
N LEU A 153 11.21 2.72 -2.22
CA LEU A 153 12.38 2.93 -1.39
C LEU A 153 12.33 4.27 -0.68
N PHE A 154 11.90 5.28 -1.42
CA PHE A 154 11.89 6.66 -0.89
C PHE A 154 10.48 7.02 -0.37
N SER A 155 10.00 6.24 0.60
CA SER A 155 8.68 6.44 1.18
C SER A 155 8.83 7.20 2.48
N PRO A 156 8.13 8.33 2.59
CA PRO A 156 8.19 9.14 3.79
C PRO A 156 7.23 8.64 4.79
N ASP A 157 6.59 7.50 4.50
CA ASP A 157 5.56 6.99 5.38
C ASP A 157 6.17 6.33 6.65
N HIS A 158 7.16 5.47 6.46
CA HIS A 158 7.64 4.63 7.56
C HIS A 158 8.13 5.55 8.61
N PRO A 159 7.85 5.26 9.88
CA PRO A 159 8.44 6.02 10.96
C PRO A 159 9.90 5.67 11.18
N GLY A 160 10.62 6.53 11.91
CA GLY A 160 12.05 6.27 12.19
C GLY A 160 13.04 6.79 11.16
N LEU A 161 12.55 7.48 10.15
CA LEU A 161 13.41 8.04 9.12
C LEU A 161 13.94 9.40 9.55
N THR A 162 15.15 9.71 9.13
CA THR A 162 15.89 10.88 9.57
C THR A 162 15.84 11.97 8.53
N SER A 163 15.87 11.63 7.25
CA SER A 163 15.69 12.71 6.25
C SER A 163 14.35 13.33 6.38
N THR A 164 14.29 14.56 5.91
CA THR A 164 13.13 15.39 6.10
C THR A 164 12.42 15.29 4.72
N SER A 165 12.46 16.42 4.04
CA SER A 165 11.94 16.58 2.72
C SER A 165 12.87 16.03 1.63
N GLN A 166 14.10 15.69 1.99
CA GLN A 166 15.03 15.08 1.04
C GLN A 166 14.48 13.84 0.39
N ILE A 167 14.13 12.87 1.23
CA ILE A 167 13.45 11.65 0.79
C ILE A 167 12.20 11.95 0.00
N GLU A 168 11.39 12.86 0.52
CA GLU A 168 10.18 13.29 -0.20
C GLU A 168 10.49 13.76 -1.61
N LYS A 169 11.58 14.55 -1.75
CA LYS A 169 11.98 15.13 -3.02
C LYS A 169 12.47 14.07 -3.99
N PHE A 170 12.80 12.90 -3.48
CA PHE A 170 13.26 11.80 -4.32
C PHE A 170 12.09 10.99 -4.88
N GLN A 171 11.11 10.72 -4.03
CA GLN A 171 9.92 9.98 -4.44
C GLN A 171 9.16 10.76 -5.47
N GLU A 172 9.24 12.09 -5.35
CA GLU A 172 8.53 12.97 -6.25
C GLU A 172 9.08 12.81 -7.67
N ALA A 173 10.41 12.80 -7.75
CA ALA A 173 11.13 12.67 -9.01
C ALA A 173 10.90 11.32 -9.55
N ALA A 174 10.92 10.33 -8.68
CA ALA A 174 10.86 8.96 -9.14
C ALA A 174 9.53 8.70 -9.82
N GLN A 175 8.44 9.08 -9.15
CA GLN A 175 7.12 8.92 -9.73
C GLN A 175 6.99 9.86 -10.92
N MET A 176 7.68 10.98 -10.83
CA MET A 176 7.64 11.97 -11.88
C MET A 176 8.23 11.40 -13.15
N GLU A 177 9.49 11.04 -13.05
CA GLU A 177 10.22 10.40 -14.13
C GLU A 177 9.59 9.11 -14.60
N LEU A 178 8.75 8.50 -13.78
CA LEU A 178 8.09 7.25 -14.14
C LEU A 178 6.80 7.52 -14.87
N GLN A 179 6.29 8.75 -14.78
CA GLN A 179 5.06 9.08 -15.53
C GLN A 179 5.44 9.39 -16.93
N ASP A 180 6.64 9.95 -17.07
CA ASP A 180 7.16 10.37 -18.34
C ASP A 180 7.50 9.18 -19.20
N TYR A 181 8.14 8.19 -18.61
CA TYR A 181 8.52 7.01 -19.36
C TYR A 181 7.27 6.29 -19.90
N VAL A 182 6.22 6.24 -19.10
CA VAL A 182 4.95 5.56 -19.50
C VAL A 182 4.21 6.42 -20.52
N GLN A 183 4.31 7.72 -20.31
CA GLN A 183 3.64 8.70 -21.15
C GLN A 183 4.03 8.53 -22.61
N ALA A 184 5.34 8.43 -22.85
CA ALA A 184 5.87 8.21 -24.19
C ALA A 184 5.74 6.74 -24.60
N THR A 185 6.52 5.88 -23.98
CA THR A 185 6.64 4.46 -24.35
C THR A 185 5.34 3.74 -24.61
N TYR A 186 4.28 4.10 -23.87
CA TYR A 186 2.98 3.45 -24.05
C TYR A 186 1.86 4.47 -24.29
N SER A 187 1.92 5.18 -25.42
CA SER A 187 0.95 6.22 -25.74
C SER A 187 -0.46 5.69 -26.00
N GLU A 188 -0.58 4.44 -26.43
CA GLU A 188 -1.89 3.77 -26.64
C GLU A 188 -2.65 3.58 -25.32
N ASP A 189 -1.95 3.65 -24.19
CA ASP A 189 -2.57 3.53 -22.87
C ASP A 189 -2.27 4.70 -21.92
N THR A 190 -3.30 5.48 -21.61
CA THR A 190 -3.13 6.63 -20.71
C THR A 190 -3.37 6.20 -19.27
N TYR A 191 -4.32 5.30 -19.10
CA TYR A 191 -4.71 4.86 -17.78
C TYR A 191 -3.76 3.77 -17.29
N ARG A 192 -2.60 3.66 -17.90
CA ARG A 192 -1.70 2.60 -17.53
C ARG A 192 -0.91 2.99 -16.31
N LEU A 193 -0.29 4.15 -16.37
CA LEU A 193 0.49 4.64 -15.24
C LEU A 193 -0.27 4.40 -13.94
N ALA A 194 -1.48 4.96 -13.88
CA ALA A 194 -2.32 4.85 -12.71
C ALA A 194 -2.54 3.40 -12.40
N ARG A 195 -2.73 2.58 -13.43
CA ARG A 195 -2.93 1.13 -13.22
C ARG A 195 -1.71 0.48 -12.50
N ILE A 196 -0.53 1.01 -12.81
CA ILE A 196 0.68 0.56 -12.20
C ILE A 196 0.80 1.06 -10.75
N LEU A 197 0.50 2.33 -10.53
CA LEU A 197 0.60 2.84 -9.19
C LEU A 197 -0.38 2.17 -8.20
N VAL A 198 -1.52 1.70 -8.72
CA VAL A 198 -2.54 1.05 -7.87
C VAL A 198 -2.10 -0.39 -7.53
N ARG A 199 -0.94 -0.79 -8.01
CA ARG A 199 -0.42 -2.07 -7.60
C ARG A 199 0.40 -1.97 -6.31
N LEU A 200 1.01 -0.81 -6.08
CA LEU A 200 1.90 -0.64 -4.92
C LEU A 200 1.23 -0.96 -3.57
N PRO A 201 -0.06 -0.68 -3.42
CA PRO A 201 -0.66 -0.95 -2.15
C PRO A 201 -0.58 -2.40 -1.80
N ALA A 202 -0.57 -3.25 -2.82
CA ALA A 202 -0.55 -4.73 -2.61
C ALA A 202 0.73 -5.20 -1.88
N LEU A 203 1.87 -4.55 -2.18
CA LEU A 203 3.11 -4.84 -1.48
C LEU A 203 2.98 -4.72 0.06
N ARG A 204 2.20 -3.78 0.57
CA ARG A 204 2.05 -3.60 2.04
C ARG A 204 1.24 -4.71 2.68
N LEU A 205 0.13 -5.11 2.05
CA LEU A 205 -0.62 -6.29 2.52
C LEU A 205 0.19 -7.59 2.83
N MET A 206 1.45 -7.71 2.42
CA MET A 206 2.15 -8.98 2.61
C MET A 206 3.12 -8.87 3.77
N SER A 207 3.07 -9.82 4.70
CA SER A 207 3.84 -9.74 5.94
C SER A 207 5.32 -10.06 5.72
N SER A 208 6.17 -9.18 6.22
CA SER A 208 7.60 -9.33 6.07
C SER A 208 8.11 -10.60 6.75
N ASN A 209 7.51 -10.94 7.88
CA ASN A 209 7.87 -12.12 8.62
C ASN A 209 7.52 -13.39 7.93
N ILE A 210 6.30 -13.47 7.37
CA ILE A 210 5.91 -14.67 6.65
C ILE A 210 6.89 -14.84 5.50
N THR A 211 7.30 -13.74 4.90
CA THR A 211 8.21 -13.82 3.78
C THR A 211 9.56 -14.31 4.21
N GLU A 212 9.97 -13.91 5.40
CA GLU A 212 11.29 -14.31 5.95
C GLU A 212 11.32 -15.79 6.33
N GLU A 213 10.30 -16.21 7.07
CA GLU A 213 10.20 -17.57 7.51
C GLU A 213 10.25 -18.51 6.35
N LEU A 214 9.61 -18.14 5.23
CA LEU A 214 9.49 -19.01 4.08
C LEU A 214 10.73 -19.07 3.22
N PHE A 215 11.40 -17.95 3.01
CA PHE A 215 12.57 -17.95 2.15
C PHE A 215 13.84 -18.06 2.95
N PHE A 216 14.06 -17.10 3.84
CA PHE A 216 15.29 -17.08 4.62
C PHE A 216 15.20 -17.86 5.93
N THR A 217 15.83 -19.02 5.93
CA THR A 217 15.82 -19.89 7.08
C THR A 217 17.19 -20.51 7.26
N GLY A 218 17.78 -20.99 6.16
CA GLY A 218 19.12 -21.54 6.19
C GLY A 218 20.03 -20.88 7.21
N LEU A 219 20.80 -19.88 6.80
CA LEU A 219 21.82 -19.27 7.69
C LEU A 219 21.36 -17.89 8.10
N ILE A 220 21.05 -17.11 7.07
CA ILE A 220 20.53 -15.79 7.23
C ILE A 220 19.22 -15.83 8.05
N GLY A 221 18.50 -16.94 7.95
CA GLY A 221 17.22 -17.08 8.64
C GLY A 221 17.28 -16.94 10.16
N ASN A 222 18.35 -17.41 10.76
CA ASN A 222 18.41 -17.44 12.20
C ASN A 222 18.93 -16.12 12.74
N VAL A 223 19.62 -15.37 11.90
CA VAL A 223 20.29 -14.17 12.35
C VAL A 223 19.42 -12.93 12.25
N SER A 224 18.21 -13.03 11.70
CA SER A 224 17.32 -11.85 11.47
C SER A 224 17.80 -10.92 10.36
N ILE A 225 17.26 -11.08 9.15
CA ILE A 225 17.72 -10.31 7.99
C ILE A 225 17.83 -8.84 8.34
N ASP A 226 16.89 -8.36 9.14
CA ASP A 226 16.90 -6.97 9.57
C ASP A 226 18.20 -6.51 10.27
N SER A 227 18.78 -7.38 11.09
CA SER A 227 20.05 -7.05 11.73
C SER A 227 21.24 -7.19 10.78
N ILE A 228 21.12 -8.04 9.77
CA ILE A 228 22.18 -8.26 8.80
C ILE A 228 22.22 -7.16 7.73
N ILE A 229 21.08 -6.51 7.54
CA ILE A 229 20.93 -5.44 6.54
C ILE A 229 22.17 -4.56 6.53
N PRO A 230 22.52 -3.98 7.68
CA PRO A 230 23.61 -3.02 7.75
C PRO A 230 24.90 -3.50 7.10
N TYR A 231 25.23 -4.76 7.31
CA TYR A 231 26.48 -5.33 6.79
C TYR A 231 26.37 -5.66 5.32
N ILE A 232 25.19 -6.02 4.87
CA ILE A 232 24.97 -6.23 3.44
C ILE A 232 25.17 -4.93 2.67
N LEU A 233 25.09 -3.78 3.36
CA LEU A 233 25.20 -2.44 2.72
C LEU A 233 26.64 -2.00 2.65
N LYS A 234 27.51 -2.76 3.33
CA LYS A 234 28.97 -2.50 3.31
C LYS A 234 29.69 -3.01 2.06
N MET A 235 29.47 -4.28 1.71
CA MET A 235 30.07 -4.83 0.50
C MET A 235 29.49 -6.22 0.16
N ARG B 1 -5.95 -10.64 -22.15
CA ARG B 1 -6.89 -11.47 -21.35
C ARG B 1 -8.19 -11.69 -22.06
N ASP B 2 -9.21 -12.16 -21.33
CA ASP B 2 -10.57 -12.25 -21.85
C ASP B 2 -11.53 -12.83 -20.83
N GLN B 3 -12.24 -11.95 -20.14
CA GLN B 3 -13.10 -12.35 -19.02
C GLN B 3 -14.45 -11.62 -19.09
N SER B 4 -15.49 -12.41 -19.34
CA SER B 4 -16.84 -11.90 -19.46
C SER B 4 -17.84 -12.78 -18.66
N THR B 5 -17.45 -14.01 -18.36
CA THR B 5 -18.23 -14.92 -17.54
C THR B 5 -17.28 -15.56 -16.51
N PRO B 6 -17.59 -15.48 -15.19
CA PRO B 6 -16.77 -16.14 -14.19
C PRO B 6 -16.79 -17.63 -14.37
N ILE B 7 -16.15 -18.36 -13.46
CA ILE B 7 -15.96 -19.79 -13.64
C ILE B 7 -17.23 -20.58 -13.30
N ILE B 8 -18.38 -20.03 -13.71
CA ILE B 8 -19.67 -20.61 -13.40
C ILE B 8 -20.71 -20.23 -14.47
N GLU B 9 -21.81 -19.65 -14.02
CA GLU B 9 -22.91 -19.25 -14.86
C GLU B 9 -22.97 -17.72 -14.94
N VAL B 10 -22.80 -17.04 -13.81
CA VAL B 10 -22.85 -15.56 -13.73
C VAL B 10 -21.93 -14.87 -14.76
N GLU B 11 -21.98 -13.53 -14.83
CA GLU B 11 -21.11 -12.79 -15.76
C GLU B 11 -20.76 -11.45 -15.22
N GLY B 12 -19.87 -10.75 -15.90
CA GLY B 12 -19.46 -9.43 -15.47
C GLY B 12 -19.64 -8.35 -16.51
N PRO B 13 -20.59 -7.41 -16.28
CA PRO B 13 -20.80 -6.28 -17.17
C PRO B 13 -19.71 -5.26 -17.00
N LEU B 14 -19.46 -4.53 -18.08
CA LEU B 14 -18.46 -3.50 -18.08
C LEU B 14 -19.02 -2.26 -17.43
N LEU B 15 -18.12 -1.34 -17.11
CA LEU B 15 -18.46 -0.07 -16.49
C LEU B 15 -19.67 0.56 -17.17
N SER B 16 -20.56 1.11 -16.35
CA SER B 16 -21.69 1.89 -16.88
C SER B 16 -21.29 3.36 -17.09
N ASP B 17 -20.03 3.66 -16.79
CA ASP B 17 -19.43 5.00 -16.91
C ASP B 17 -20.22 6.03 -16.10
N THR B 18 -20.27 5.80 -14.79
CA THR B 18 -21.04 6.66 -13.92
C THR B 18 -20.98 6.26 -12.45
N HIS B 19 -21.02 7.28 -11.59
CA HIS B 19 -21.13 7.13 -10.13
C HIS B 19 -21.69 8.42 -9.50
N VAL B 20 -23.01 8.61 -9.64
CA VAL B 20 -23.73 9.88 -9.33
C VAL B 20 -23.12 10.76 -8.23
N THR B 21 -23.36 12.07 -8.35
CA THR B 21 -22.80 13.06 -7.44
C THR B 21 -23.18 12.83 -6.00
N PHE B 22 -24.17 11.98 -5.74
CA PHE B 22 -24.49 11.61 -4.37
C PHE B 22 -23.30 10.92 -3.67
N LYS B 23 -22.33 10.43 -4.44
CA LYS B 23 -21.12 9.82 -3.90
C LYS B 23 -20.02 10.86 -3.58
N LEU B 24 -20.43 12.08 -3.25
CA LEU B 24 -19.51 13.16 -2.87
C LEU B 24 -19.88 13.77 -1.53
N THR B 25 -21.12 13.53 -1.10
CA THR B 25 -21.67 14.06 0.14
C THR B 25 -21.18 13.22 1.30
N MET B 26 -20.23 13.75 2.06
CA MET B 26 -19.80 13.11 3.29
C MET B 26 -19.86 14.12 4.42
N PRO B 27 -21.07 14.51 4.83
CA PRO B 27 -21.22 15.36 5.99
C PRO B 27 -21.43 14.50 7.24
N SER B 28 -20.47 14.53 8.15
CA SER B 28 -20.60 13.79 9.40
C SER B 28 -21.23 14.69 10.47
N PRO B 29 -22.51 14.45 10.82
CA PRO B 29 -23.18 15.21 11.88
C PRO B 29 -22.61 14.91 13.26
N MET B 30 -21.77 15.79 13.77
CA MET B 30 -21.12 15.54 15.05
C MET B 30 -21.90 16.10 16.23
N PRO B 31 -21.59 15.62 17.44
CA PRO B 31 -22.20 16.06 18.70
C PRO B 31 -22.16 17.58 19.04
N GLU B 32 -21.91 17.90 20.31
CA GLU B 32 -21.86 19.28 20.80
C GLU B 32 -20.88 19.52 21.97
N TYR B 33 -20.68 18.51 22.84
CA TYR B 33 -19.98 18.72 24.10
C TYR B 33 -18.44 18.77 24.04
N LEU B 34 -17.82 18.70 25.23
CA LEU B 34 -16.37 18.63 25.41
C LEU B 34 -15.92 17.20 25.14
N ASN B 35 -14.64 16.88 25.40
CA ASN B 35 -14.00 15.59 25.01
C ASN B 35 -13.98 14.45 26.04
N VAL B 36 -15.12 13.76 26.18
CA VAL B 36 -15.23 12.58 27.05
C VAL B 36 -14.84 11.36 26.22
N HIS B 37 -15.55 10.25 26.39
CA HIS B 37 -15.40 9.11 25.50
C HIS B 37 -16.43 9.15 24.37
N TYR B 38 -16.80 10.37 23.99
CA TYR B 38 -17.69 10.62 22.88
C TYR B 38 -16.90 10.51 21.56
N ILE B 39 -15.60 10.32 21.67
CA ILE B 39 -14.75 10.02 20.53
C ILE B 39 -15.17 8.70 19.91
N CYS B 40 -15.61 7.78 20.75
CA CYS B 40 -16.15 6.53 20.27
C CYS B 40 -17.43 6.76 19.45
N GLU B 41 -18.21 7.75 19.83
CA GLU B 41 -19.41 8.10 19.08
C GLU B 41 -19.08 8.73 17.74
N SER B 42 -18.20 9.74 17.76
CA SER B 42 -17.73 10.39 16.51
C SER B 42 -17.10 9.35 15.58
N ALA B 43 -16.27 8.49 16.14
CA ALA B 43 -15.71 7.37 15.41
C ALA B 43 -16.81 6.57 14.73
N SER B 44 -17.83 6.21 15.49
CA SER B 44 -18.96 5.41 14.97
C SER B 44 -19.77 6.19 13.95
N ARG B 45 -20.03 7.44 14.29
CA ARG B 45 -20.70 8.35 13.38
C ARG B 45 -20.00 8.34 12.02
N LEU B 46 -18.67 8.22 12.02
CA LEU B 46 -17.89 8.19 10.76
C LEU B 46 -17.90 6.80 10.19
N LEU B 47 -17.68 5.81 11.04
CA LEU B 47 -17.67 4.44 10.59
C LEU B 47 -18.97 4.11 9.88
N PHE B 48 -20.10 4.42 10.52
CA PHE B 48 -21.43 4.07 9.99
C PHE B 48 -21.69 4.85 8.71
N LEU B 49 -21.29 6.09 8.69
CA LEU B 49 -21.42 6.87 7.47
C LEU B 49 -20.56 6.28 6.35
N SER B 50 -19.27 6.01 6.65
CA SER B 50 -18.34 5.42 5.67
C SER B 50 -18.94 4.14 5.10
N MET B 51 -19.41 3.26 5.97
CA MET B 51 -19.90 2.02 5.48
C MET B 51 -21.16 2.26 4.70
N HIS B 52 -21.97 3.22 5.12
CA HIS B 52 -23.19 3.52 4.38
C HIS B 52 -22.91 4.21 3.06
N TRP B 53 -21.79 4.93 2.98
CA TRP B 53 -21.41 5.53 1.73
C TRP B 53 -21.10 4.45 0.71
N ALA B 54 -20.36 3.44 1.12
CA ALA B 54 -19.92 2.39 0.19
C ALA B 54 -21.11 1.59 -0.28
N ARG B 55 -22.20 1.61 0.47
CA ARG B 55 -23.35 0.81 0.10
C ARG B 55 -24.26 1.54 -0.86
N SER B 56 -24.19 2.87 -0.84
CA SER B 56 -24.96 3.66 -1.76
C SER B 56 -24.51 3.38 -3.19
N ILE B 57 -23.22 3.16 -3.36
CA ILE B 57 -22.65 2.92 -4.68
C ILE B 57 -23.29 1.66 -5.30
N PRO B 58 -23.93 1.79 -6.50
CA PRO B 58 -24.60 0.67 -7.16
C PRO B 58 -23.70 -0.55 -7.39
N ALA B 59 -22.57 -0.35 -8.06
CA ALA B 59 -21.60 -1.42 -8.25
C ALA B 59 -21.35 -2.25 -7.01
N PHE B 60 -21.47 -1.64 -5.83
CA PHE B 60 -21.34 -2.37 -4.57
C PHE B 60 -22.42 -3.43 -4.42
N GLN B 61 -23.68 -3.01 -4.38
CA GLN B 61 -24.76 -3.94 -4.14
C GLN B 61 -24.75 -5.02 -5.21
N ALA B 62 -24.56 -4.59 -6.44
CA ALA B 62 -24.58 -5.48 -7.59
C ALA B 62 -23.60 -6.61 -7.41
N LEU B 63 -22.57 -6.36 -6.61
CA LEU B 63 -21.51 -7.35 -6.36
C LEU B 63 -21.99 -8.45 -5.42
N GLY B 64 -23.28 -8.78 -5.48
CA GLY B 64 -23.83 -9.75 -4.55
C GLY B 64 -24.04 -9.12 -3.20
N GLN B 65 -24.22 -9.94 -2.17
CA GLN B 65 -24.43 -9.43 -0.83
C GLN B 65 -23.35 -9.98 0.10
N ASP B 66 -23.09 -11.27 0.03
CA ASP B 66 -21.97 -11.89 0.75
C ASP B 66 -20.63 -11.19 0.48
N CYS B 67 -20.33 -11.00 -0.79
CA CYS B 67 -19.10 -10.31 -1.21
C CYS B 67 -19.04 -8.92 -0.60
N ASN B 68 -20.17 -8.22 -0.56
CA ASN B 68 -20.24 -6.93 0.09
C ASN B 68 -19.68 -7.00 1.46
N THR B 69 -20.32 -7.79 2.31
CA THR B 69 -20.03 -7.78 3.74
C THR B 69 -18.73 -8.54 3.97
N SER B 70 -17.86 -8.50 2.98
CA SER B 70 -16.60 -9.23 3.01
C SER B 70 -15.48 -8.31 2.55
N LEU B 71 -15.82 -7.47 1.58
CA LEU B 71 -14.92 -6.51 0.98
C LEU B 71 -14.71 -5.37 1.95
N VAL B 72 -15.79 -4.79 2.43
CA VAL B 72 -15.76 -3.68 3.41
C VAL B 72 -15.22 -4.18 4.71
N ARG B 73 -15.56 -5.40 5.04
CA ARG B 73 -15.05 -5.99 6.24
C ARG B 73 -13.55 -6.17 6.11
N ALA B 74 -13.02 -5.91 4.92
CA ALA B 74 -11.62 -6.12 4.65
C ALA B 74 -10.90 -4.81 4.40
N CYS B 75 -11.62 -3.69 4.41
CA CYS B 75 -10.93 -2.44 4.19
C CYS B 75 -11.47 -1.31 4.97
N TRP B 76 -12.42 -1.58 5.85
CA TRP B 76 -13.11 -0.54 6.60
C TRP B 76 -12.15 0.47 7.19
N ASN B 77 -11.04 -0.02 7.75
CA ASN B 77 -10.06 0.81 8.42
C ASN B 77 -9.51 1.79 7.44
N GLU B 78 -9.27 1.28 6.24
CA GLU B 78 -8.74 2.12 5.18
C GLU B 78 -9.71 3.25 4.86
N LEU B 79 -10.99 2.89 4.65
CA LEU B 79 -12.03 3.89 4.37
C LEU B 79 -12.18 4.84 5.56
N PHE B 80 -12.27 4.31 6.76
CA PHE B 80 -12.48 5.14 7.91
C PHE B 80 -11.33 6.12 8.02
N THR B 81 -10.14 5.65 7.62
CA THR B 81 -8.95 6.47 7.75
C THR B 81 -8.94 7.50 6.65
N LEU B 82 -9.30 7.06 5.46
CA LEU B 82 -9.46 7.95 4.31
C LEU B 82 -10.42 9.04 4.70
N GLY B 83 -11.58 8.66 5.19
CA GLY B 83 -12.60 9.62 5.55
C GLY B 83 -12.20 10.40 6.78
N LEU B 84 -11.23 9.85 7.50
CA LEU B 84 -10.73 10.47 8.72
C LEU B 84 -9.93 11.68 8.37
N ALA B 85 -9.47 11.78 7.13
CA ALA B 85 -8.75 12.97 6.62
C ALA B 85 -9.77 14.02 6.28
N GLN B 86 -10.88 13.99 7.00
CA GLN B 86 -11.97 14.92 6.87
C GLN B 86 -12.25 15.46 8.30
N CYS B 87 -11.35 16.31 8.79
CA CYS B 87 -11.56 16.86 10.10
C CYS B 87 -12.56 18.04 10.08
N ALA B 88 -13.85 17.70 10.00
CA ALA B 88 -14.95 18.59 10.43
C ALA B 88 -15.22 18.35 11.91
N GLN B 89 -14.34 17.59 12.55
CA GLN B 89 -14.35 17.28 13.99
C GLN B 89 -13.21 18.03 14.64
N VAL B 90 -12.91 17.73 15.89
CA VAL B 90 -11.92 18.51 16.64
C VAL B 90 -10.60 17.69 16.84
N MET B 91 -9.91 17.96 17.96
CA MET B 91 -8.65 17.26 18.35
C MET B 91 -8.86 16.05 19.23
N SER B 92 -9.45 15.02 18.63
CA SER B 92 -9.70 13.77 19.30
C SER B 92 -8.42 12.97 19.43
N LEU B 93 -7.32 13.49 18.89
CA LEU B 93 -6.05 12.77 18.85
C LEU B 93 -5.16 12.98 20.07
N SER B 94 -5.71 13.43 21.18
CA SER B 94 -4.94 13.62 22.42
C SER B 94 -4.83 12.34 23.28
N THR B 95 -5.24 11.21 22.70
CA THR B 95 -5.29 9.97 23.41
C THR B 95 -4.00 9.77 24.18
N ILE B 96 -4.06 10.09 25.48
CA ILE B 96 -2.86 10.19 26.31
C ILE B 96 -2.59 8.97 27.23
N LEU B 97 -1.59 9.19 28.10
CA LEU B 97 -1.01 8.24 29.05
C LEU B 97 -1.60 6.84 29.05
N ALA B 98 -0.73 5.90 29.44
CA ALA B 98 -1.07 4.49 29.60
C ALA B 98 -1.06 4.14 31.08
N ASP B 116 2.84 -2.89 32.11
CA ASP B 116 4.04 -2.41 31.42
C ASP B 116 3.89 -2.50 29.90
N ARG B 117 4.10 -1.37 29.20
CA ARG B 117 3.89 -1.31 27.75
C ARG B 117 5.08 -0.72 26.99
N ILE B 118 5.16 -1.06 25.70
CA ILE B 118 6.16 -0.51 24.79
C ILE B 118 5.62 0.77 24.09
N LYS B 119 4.29 0.91 24.07
CA LYS B 119 3.63 2.09 23.52
C LYS B 119 4.03 2.30 22.07
N GLN B 120 3.71 1.30 21.25
CA GLN B 120 3.78 1.40 19.76
C GLN B 120 2.64 2.25 19.22
N VAL B 121 1.58 2.35 20.00
CA VAL B 121 0.45 3.20 19.67
C VAL B 121 0.88 4.56 19.16
N MET B 122 1.80 5.22 19.86
CA MET B 122 2.28 6.55 19.45
C MET B 122 2.58 6.57 17.95
N GLU B 123 3.51 5.70 17.55
CA GLU B 123 3.88 5.49 16.15
C GLU B 123 2.68 5.48 15.21
N HIS B 124 1.64 4.75 15.58
CA HIS B 124 0.39 4.75 14.87
C HIS B 124 -0.27 6.17 14.81
N ILE B 125 -0.36 6.87 15.95
CA ILE B 125 -0.99 8.20 15.97
C ILE B 125 -0.24 9.05 14.96
N TRP B 126 1.09 8.86 14.95
CA TRP B 126 2.00 9.58 14.04
C TRP B 126 1.63 9.34 12.59
N LYS B 127 1.51 8.09 12.22
CA LYS B 127 1.20 7.74 10.85
C LYS B 127 -0.12 8.43 10.43
N LEU B 128 -1.09 8.36 11.33
CA LEU B 128 -2.44 8.81 11.01
C LEU B 128 -2.41 10.31 10.93
N GLN B 129 -1.46 10.85 11.69
CA GLN B 129 -1.26 12.31 11.76
C GLN B 129 -0.66 12.84 10.48
N GLU B 130 0.45 12.25 10.11
CA GLU B 130 1.14 12.65 8.91
C GLU B 130 0.28 12.43 7.70
N PHE B 131 -0.53 11.39 7.72
CA PHE B 131 -1.34 11.08 6.58
C PHE B 131 -2.33 12.18 6.43
N CYS B 132 -2.99 12.51 7.52
CA CYS B 132 -4.05 13.54 7.43
C CYS B 132 -3.44 14.87 7.02
N ASN B 133 -2.20 15.06 7.41
CA ASN B 133 -1.47 16.24 7.02
C ASN B 133 -1.20 16.24 5.52
N SER B 134 -0.57 15.18 5.04
CA SER B 134 -0.23 15.09 3.64
C SER B 134 -1.47 15.17 2.76
N MET B 135 -2.53 14.50 3.18
CA MET B 135 -3.75 14.60 2.42
C MET B 135 -4.21 16.04 2.29
N ALA B 136 -4.18 16.76 3.42
CA ALA B 136 -4.60 18.16 3.48
C ALA B 136 -3.65 19.06 2.68
N LYS B 137 -2.34 18.80 2.77
CA LYS B 137 -1.34 19.54 2.02
C LYS B 137 -1.58 19.47 0.51
N LEU B 138 -2.06 18.31 0.03
CA LEU B 138 -2.31 18.10 -1.39
C LEU B 138 -3.62 18.72 -1.81
N ASP B 139 -4.41 19.16 -0.84
CA ASP B 139 -5.76 19.69 -1.08
C ASP B 139 -6.49 18.74 -2.01
N ILE B 140 -7.19 17.77 -1.46
CA ILE B 140 -7.94 16.82 -2.26
C ILE B 140 -9.17 17.52 -2.80
N ASP B 141 -8.95 18.26 -3.90
CA ASP B 141 -9.99 19.02 -4.62
C ASP B 141 -11.20 18.11 -4.91
N GLY B 142 -12.38 18.69 -4.86
CA GLY B 142 -13.56 17.87 -4.93
C GLY B 142 -13.45 16.73 -3.94
N TYR B 143 -14.35 15.77 -4.09
CA TYR B 143 -14.25 14.62 -3.27
C TYR B 143 -13.61 13.50 -4.13
N GLU B 144 -12.34 13.72 -4.50
CA GLU B 144 -11.51 12.67 -5.07
C GLU B 144 -11.40 11.59 -4.04
N TYR B 145 -11.53 11.98 -2.78
CA TYR B 145 -11.70 11.03 -1.71
C TYR B 145 -12.66 9.90 -2.10
N ALA B 146 -13.84 10.25 -2.61
CA ALA B 146 -14.83 9.24 -2.95
C ALA B 146 -14.25 8.25 -3.96
N TYR B 147 -13.59 8.79 -4.96
CA TYR B 147 -13.02 7.94 -5.98
C TYR B 147 -11.83 7.16 -5.42
N LEU B 148 -11.02 7.78 -4.58
CA LEU B 148 -9.97 7.04 -3.91
C LEU B 148 -10.59 5.99 -2.97
N LYS B 149 -11.79 6.22 -2.48
CA LYS B 149 -12.40 5.25 -1.60
C LYS B 149 -12.88 4.08 -2.43
N ALA B 150 -13.07 4.32 -3.72
CA ALA B 150 -13.49 3.25 -4.62
C ALA B 150 -12.29 2.37 -4.91
N ILE B 151 -11.16 3.01 -5.19
CA ILE B 151 -9.94 2.25 -5.48
C ILE B 151 -9.62 1.31 -4.28
N VAL B 152 -9.92 1.83 -3.09
CA VAL B 152 -9.68 1.14 -1.87
C VAL B 152 -10.72 0.03 -1.73
N LEU B 153 -11.97 0.40 -1.89
CA LEU B 153 -13.08 -0.53 -1.67
C LEU B 153 -12.94 -1.76 -2.54
N PHE B 154 -12.81 -1.51 -3.84
CA PHE B 154 -12.72 -2.56 -4.86
C PHE B 154 -11.26 -3.05 -5.06
N SER B 155 -10.63 -3.58 -4.00
CA SER B 155 -9.25 -4.04 -4.12
C SER B 155 -9.30 -5.53 -4.34
N PRO B 156 -8.60 -6.03 -5.38
CA PRO B 156 -8.64 -7.45 -5.64
C PRO B 156 -7.68 -8.17 -4.74
N ASP B 157 -6.84 -7.38 -4.07
CA ASP B 157 -5.74 -7.88 -3.28
C ASP B 157 -6.22 -8.77 -2.14
N HIS B 158 -7.39 -8.40 -1.59
CA HIS B 158 -7.88 -9.02 -0.38
C HIS B 158 -8.25 -10.48 -0.58
N PRO B 159 -7.89 -11.33 0.38
CA PRO B 159 -8.28 -12.73 0.27
C PRO B 159 -9.74 -12.99 0.54
N GLY B 160 -10.17 -14.22 0.30
CA GLY B 160 -11.56 -14.62 0.56
C GLY B 160 -12.60 -13.77 -0.16
N LEU B 161 -12.27 -13.34 -1.37
CA LEU B 161 -13.17 -12.53 -2.17
C LEU B 161 -13.80 -13.35 -3.32
N THR B 162 -15.00 -12.99 -3.72
CA THR B 162 -15.76 -13.79 -4.67
C THR B 162 -15.53 -13.30 -6.08
N SER B 163 -16.30 -12.32 -6.54
CA SER B 163 -16.25 -11.95 -7.95
C SER B 163 -15.02 -11.07 -8.31
N THR B 164 -13.85 -11.59 -7.94
CA THR B 164 -12.58 -10.93 -8.13
C THR B 164 -12.50 -10.15 -9.43
N SER B 165 -12.71 -10.83 -10.55
CA SER B 165 -12.60 -10.20 -11.86
C SER B 165 -13.50 -9.00 -12.04
N GLN B 166 -14.74 -9.13 -11.58
CA GLN B 166 -15.72 -8.02 -11.63
C GLN B 166 -15.30 -6.81 -10.78
N ILE B 167 -14.82 -7.08 -9.57
CA ILE B 167 -14.25 -6.04 -8.70
C ILE B 167 -13.14 -5.28 -9.43
N GLU B 168 -12.36 -6.00 -10.25
CA GLU B 168 -11.20 -5.40 -10.92
C GLU B 168 -11.73 -4.42 -11.93
N LYS B 169 -12.80 -4.83 -12.58
CA LYS B 169 -13.55 -4.02 -13.53
C LYS B 169 -14.04 -2.73 -12.88
N PHE B 170 -14.65 -2.82 -11.71
CA PHE B 170 -14.99 -1.60 -10.94
C PHE B 170 -13.80 -0.70 -10.53
N GLN B 171 -12.77 -1.34 -9.97
CA GLN B 171 -11.60 -0.61 -9.53
C GLN B 171 -10.92 0.00 -10.70
N GLU B 172 -10.95 -0.74 -11.80
CA GLU B 172 -10.40 -0.23 -13.07
C GLU B 172 -11.19 1.00 -13.54
N ALA B 173 -12.51 0.93 -13.35
CA ALA B 173 -13.38 2.01 -13.73
C ALA B 173 -12.93 3.25 -13.00
N ALA B 174 -13.07 3.20 -11.67
CA ALA B 174 -12.74 4.28 -10.77
C ALA B 174 -11.36 4.84 -11.05
N GLN B 175 -10.47 3.99 -11.50
CA GLN B 175 -9.17 4.47 -11.82
C GLN B 175 -9.20 5.47 -12.95
N MET B 176 -9.97 5.14 -13.97
CA MET B 176 -10.07 5.97 -15.19
C MET B 176 -10.79 7.26 -14.92
N GLU B 177 -11.98 7.16 -14.34
CA GLU B 177 -12.76 8.32 -13.96
C GLU B 177 -11.97 9.30 -13.14
N LEU B 178 -11.34 8.85 -12.04
CA LEU B 178 -10.48 9.70 -11.19
C LEU B 178 -9.45 10.45 -12.02
N GLN B 179 -8.93 9.76 -13.03
CA GLN B 179 -7.96 10.39 -13.92
C GLN B 179 -8.62 11.45 -14.77
N ASP B 180 -9.79 11.15 -15.31
CA ASP B 180 -10.47 12.09 -16.18
C ASP B 180 -10.98 13.29 -15.39
N TYR B 181 -11.03 13.17 -14.08
CA TYR B 181 -11.47 14.27 -13.26
C TYR B 181 -10.30 15.18 -12.89
N VAL B 182 -9.08 14.68 -13.01
CA VAL B 182 -7.91 15.40 -12.53
C VAL B 182 -7.31 16.22 -13.66
N GLN B 183 -6.76 15.54 -14.67
CA GLN B 183 -6.13 16.20 -15.83
C GLN B 183 -7.12 17.03 -16.67
N ALA B 184 -8.42 16.86 -16.39
CA ALA B 184 -9.47 17.68 -17.01
C ALA B 184 -9.91 18.85 -16.11
N THR B 185 -9.52 18.81 -14.84
CA THR B 185 -9.81 19.87 -13.90
C THR B 185 -8.52 20.57 -13.50
N TYR B 186 -7.44 20.32 -14.25
CA TYR B 186 -6.14 20.91 -13.96
C TYR B 186 -5.23 21.04 -15.16
N SER B 187 -4.16 21.78 -14.97
CA SER B 187 -3.17 22.01 -15.99
C SER B 187 -1.82 22.14 -15.33
N GLU B 188 -1.73 23.09 -14.38
CA GLU B 188 -0.51 23.36 -13.62
C GLU B 188 0.05 22.11 -12.95
N ASP B 189 -0.85 21.27 -12.45
CA ASP B 189 -0.47 20.01 -11.82
C ASP B 189 -0.98 18.91 -12.75
N THR B 190 -0.07 18.45 -13.61
CA THR B 190 -0.33 17.31 -14.49
C THR B 190 0.08 16.01 -13.80
N TYR B 191 1.04 16.11 -12.87
CA TYR B 191 1.55 14.97 -12.10
C TYR B 191 0.75 14.70 -10.81
N ARG B 192 -0.47 15.23 -10.76
CA ARG B 192 -1.30 15.13 -9.59
C ARG B 192 -1.75 13.71 -9.38
N LEU B 193 -2.45 13.18 -10.37
CA LEU B 193 -3.00 11.84 -10.32
C LEU B 193 -1.99 10.94 -9.64
N ALA B 194 -0.74 10.99 -10.12
CA ALA B 194 0.30 10.12 -9.59
C ALA B 194 0.46 10.36 -8.10
N ARG B 195 0.62 11.62 -7.77
CA ARG B 195 0.86 12.03 -6.43
C ARG B 195 -0.22 11.49 -5.48
N ILE B 196 -1.47 11.70 -5.84
CA ILE B 196 -2.56 11.33 -4.98
C ILE B 196 -2.66 9.81 -4.88
N LEU B 197 -2.27 9.12 -5.94
CA LEU B 197 -2.23 7.66 -5.94
C LEU B 197 -1.15 7.07 -5.06
N VAL B 198 0.03 7.67 -5.06
CA VAL B 198 1.15 7.19 -4.24
C VAL B 198 0.89 7.38 -2.73
N ARG B 199 -0.33 7.73 -2.39
CA ARG B 199 -0.69 7.94 -0.98
C ARG B 199 -1.37 6.68 -0.39
N LEU B 200 -2.02 5.93 -1.26
CA LEU B 200 -2.78 4.79 -0.86
C LEU B 200 -1.99 3.83 0.00
N PRO B 201 -0.75 3.53 -0.38
CA PRO B 201 0.06 2.59 0.37
C PRO B 201 0.15 2.90 1.86
N ALA B 202 0.20 4.18 2.18
CA ALA B 202 0.12 4.65 3.56
C ALA B 202 -1.04 4.02 4.32
N LEU B 203 -2.20 3.98 3.68
CA LEU B 203 -3.40 3.45 4.25
C LEU B 203 -3.18 2.02 4.68
N ARG B 204 -2.36 1.30 3.95
CA ARG B 204 -2.13 -0.08 4.37
C ARG B 204 -0.98 -0.19 5.37
N LEU B 205 -0.53 0.93 5.91
CA LEU B 205 0.62 0.91 6.78
C LEU B 205 0.17 1.10 8.24
N MET B 206 -1.13 1.32 8.40
CA MET B 206 -1.71 1.46 9.70
C MET B 206 -2.61 0.24 10.02
N SER B 207 -2.46 -0.33 11.22
CA SER B 207 -3.28 -1.49 11.63
C SER B 207 -4.73 -1.07 12.00
N SER B 208 -5.69 -1.89 11.60
CA SER B 208 -7.07 -1.62 11.96
C SER B 208 -7.20 -1.84 13.45
N ASN B 209 -6.45 -2.81 13.99
CA ASN B 209 -6.55 -3.12 15.43
C ASN B 209 -6.39 -1.88 16.34
N ILE B 210 -5.28 -1.19 16.15
CA ILE B 210 -5.01 0.01 16.87
C ILE B 210 -6.12 1.02 16.64
N THR B 211 -6.64 1.13 15.42
CA THR B 211 -7.70 2.11 15.12
C THR B 211 -8.94 1.81 15.96
N GLU B 212 -9.28 0.53 16.00
CA GLU B 212 -10.47 0.06 16.67
C GLU B 212 -10.26 0.18 18.18
N GLU B 213 -9.05 -0.21 18.55
CA GLU B 213 -8.60 -0.13 19.92
C GLU B 213 -8.46 1.32 20.41
N LEU B 214 -8.32 2.29 19.52
CA LEU B 214 -8.09 3.65 19.96
C LEU B 214 -9.36 4.46 19.98
N PHE B 215 -10.12 4.39 18.89
CA PHE B 215 -11.36 5.17 18.75
C PHE B 215 -12.57 4.44 19.32
N PHE B 216 -12.80 3.21 18.88
CA PHE B 216 -13.95 2.43 19.35
C PHE B 216 -13.60 1.67 20.62
N THR B 217 -13.10 2.40 21.59
CA THR B 217 -12.69 1.85 22.86
C THR B 217 -13.71 2.29 23.92
N GLY B 218 -14.91 2.61 23.50
CA GLY B 218 -15.97 2.95 24.42
C GLY B 218 -17.31 2.40 23.98
N LEU B 219 -17.31 1.16 23.47
CA LEU B 219 -18.55 0.54 22.97
C LEU B 219 -19.01 -0.56 23.93
N ILE B 220 -20.19 -1.15 23.65
CA ILE B 220 -20.70 -2.24 24.49
C ILE B 220 -19.62 -3.33 24.58
N GLY B 221 -18.94 -3.35 25.73
CA GLY B 221 -17.91 -4.34 26.05
C GLY B 221 -16.90 -4.63 24.96
N ASN B 222 -17.01 -5.81 24.38
CA ASN B 222 -15.97 -6.37 23.52
C ASN B 222 -16.25 -6.35 22.01
N VAL B 223 -17.51 -6.16 21.62
CA VAL B 223 -17.92 -6.21 20.20
C VAL B 223 -16.91 -5.63 19.19
N SER B 224 -16.31 -6.50 18.38
CA SER B 224 -15.32 -6.10 17.38
C SER B 224 -16.02 -5.59 16.17
N ILE B 225 -15.40 -4.63 15.51
CA ILE B 225 -15.99 -4.02 14.35
C ILE B 225 -16.28 -5.09 13.29
N ASP B 226 -15.44 -6.11 13.23
CA ASP B 226 -15.57 -7.19 12.26
C ASP B 226 -16.65 -8.11 12.73
N SER B 227 -17.84 -7.58 12.89
CA SER B 227 -18.96 -8.29 13.53
C SER B 227 -20.18 -7.44 13.37
N ILE B 228 -20.07 -6.19 13.81
CA ILE B 228 -21.15 -5.26 13.65
C ILE B 228 -21.32 -4.87 12.18
N ILE B 229 -20.37 -5.24 11.33
CA ILE B 229 -20.41 -4.81 9.94
C ILE B 229 -21.63 -5.35 9.22
N PRO B 230 -21.83 -6.67 9.25
CA PRO B 230 -22.98 -7.27 8.59
C PRO B 230 -24.29 -6.63 8.99
N TYR B 231 -24.42 -6.22 10.25
CA TYR B 231 -25.62 -5.55 10.69
C TYR B 231 -25.76 -4.18 10.05
N ILE B 232 -26.05 -4.18 8.75
CA ILE B 232 -26.29 -2.93 7.98
C ILE B 232 -27.82 -2.63 7.96
N LEU B 233 -28.22 -1.71 8.85
CA LEU B 233 -29.62 -1.26 9.02
C LEU B 233 -30.61 -2.43 9.12
#